data_9BFI
#
_entry.id   9BFI
#
_cell.length_a   1.00
_cell.length_b   1.00
_cell.length_c   1.00
_cell.angle_alpha   90.00
_cell.angle_beta   90.00
_cell.angle_gamma   90.00
#
_symmetry.space_group_name_H-M   'P 1'
#
_entity_poly.entity_id   1
_entity_poly.type   'polypeptide(L)'
_entity_poly.pdbx_seq_one_letter_code
;MAFHVEGLIAIIVFYLLILLVGIWAAWRTKNSGSAEERSEAIIVGGRDIGLLVGGFTMTATWVGGGYINGTAEAVYVPGY
GLAWAQAPIGYSLSLILGGLFFAKPMRSKGYVTMLDPFQQIYGKRMGGLLFIPALMGEMFWAAAIFSALGATISVIIDVD
MHISVIISALIATLYTLVGGLYSVAYTDVVQLFCIFVGLWISVPFALSHPAVADIGFTAVHAKYQKPWLGTVDSSEVYSW
LDSFLLLMLGGIPWQAYFQRVLSSSSATYAQVLSFLAAFGCLVMAIPAILIGAIGASTDWNQTAYGLPDPKTTEEADMIL
PIVLQYLCPVYISFFGLGAVSAAVMSSADSSILSASSMFARNIYQLSFRQNASDKEIVWVMRITVFVFGASATAMALLTK
TVYGLWYLSSDLVYIVIFPQLLCVLFVKGTNTYGAVAGYVSGLFLRITGGEPYLYLQPLIFYPGYYPDDNGIYNQKFPFK
TLAMVTSFLTNICISYLAKYLFESGTLPPKLDVFDAVVARHSEENMDKTILVKNENIKLDELALVKPRQSMTLSSTFTNK
EAFLDVDSSPEGSGTEDNLQAAAGGSWSHPQFEKGGGSGGGSGGSAWSHPQFEK
;
_entity_poly.pdbx_strand_id   A
#
# COMPACT_ATOMS: atom_id res chain seq x y z
N ALA A 2 -32.70 4.50 -6.41
CA ALA A 2 -31.38 3.91 -6.22
C ALA A 2 -30.70 4.51 -5.00
N PHE A 3 -30.80 5.83 -4.85
CA PHE A 3 -30.22 6.53 -3.71
C PHE A 3 -30.85 6.05 -2.41
N HIS A 4 -30.01 5.71 -1.44
CA HIS A 4 -30.45 5.29 -0.11
C HIS A 4 -30.05 6.36 0.89
N VAL A 5 -31.06 6.91 1.59
CA VAL A 5 -30.80 7.94 2.59
C VAL A 5 -30.14 7.35 3.81
N GLU A 6 -30.58 6.16 4.23
CA GLU A 6 -30.13 5.57 5.50
C GLU A 6 -28.63 5.26 5.46
N GLY A 7 -28.09 4.86 4.30
CA GLY A 7 -26.66 4.65 4.21
C GLY A 7 -25.87 5.92 4.40
N LEU A 8 -26.33 7.01 3.78
CA LEU A 8 -25.67 8.30 3.97
C LEU A 8 -25.76 8.77 5.41
N ILE A 9 -26.91 8.53 6.06
CA ILE A 9 -27.05 8.87 7.47
C ILE A 9 -26.08 8.07 8.32
N ALA A 10 -25.91 6.78 7.98
CA ALA A 10 -24.96 5.94 8.71
C ALA A 10 -23.53 6.46 8.58
N ILE A 11 -23.13 6.81 7.36
CA ILE A 11 -21.78 7.36 7.16
C ILE A 11 -21.62 8.66 7.93
N ILE A 12 -22.62 9.54 7.86
CA ILE A 12 -22.52 10.85 8.51
C ILE A 12 -22.44 10.68 10.03
N VAL A 13 -23.26 9.81 10.60
CA VAL A 13 -23.28 9.62 12.05
C VAL A 13 -21.96 9.01 12.52
N PHE A 14 -21.47 7.98 11.83
CA PHE A 14 -20.22 7.36 12.26
C PHE A 14 -19.03 8.30 12.07
N TYR A 15 -19.02 9.07 10.98
CA TYR A 15 -17.97 10.06 10.76
C TYR A 15 -17.99 11.14 11.84
N LEU A 16 -19.19 11.61 12.21
CA LEU A 16 -19.30 12.60 13.28
C LEU A 16 -18.88 12.03 14.62
N LEU A 17 -19.19 10.75 14.87
CA LEU A 17 -18.78 10.13 16.12
C LEU A 17 -17.26 10.01 16.20
N ILE A 18 -16.63 9.60 15.10
CA ILE A 18 -15.16 9.51 15.07
C ILE A 18 -14.55 10.90 15.26
N LEU A 19 -15.11 11.91 14.59
CA LEU A 19 -14.61 13.28 14.73
C LEU A 19 -14.78 13.80 16.15
N LEU A 20 -15.91 13.49 16.79
CA LEU A 20 -16.15 13.94 18.15
C LEU A 20 -15.18 13.28 19.12
N VAL A 21 -14.92 11.99 18.96
CA VAL A 21 -13.93 11.32 19.80
C VAL A 21 -12.54 11.91 19.56
N GLY A 22 -12.22 12.21 18.30
CA GLY A 22 -10.92 12.77 17.98
C GLY A 22 -10.71 14.15 18.58
N ILE A 23 -11.73 14.99 18.54
CA ILE A 23 -11.59 16.33 19.11
C ILE A 23 -11.69 16.29 20.64
N TRP A 24 -12.40 15.30 21.18
CA TRP A 24 -12.47 15.15 22.62
C TRP A 24 -11.13 14.70 23.21
N ALA A 25 -10.40 13.87 22.46
CA ALA A 25 -9.08 13.45 22.90
C ALA A 25 -8.13 14.64 23.01
N ALA A 26 -8.20 15.57 22.06
CA ALA A 26 -7.38 16.78 22.14
C ALA A 26 -7.92 17.77 23.17
N TRP A 27 -9.25 17.76 23.40
CA TRP A 27 -9.84 18.62 24.42
C TRP A 27 -9.37 18.21 25.81
N ARG A 28 -9.26 16.90 26.05
CA ARG A 28 -8.70 16.44 27.33
C ARG A 28 -7.22 16.79 27.42
N THR A 29 -6.51 16.78 26.29
CA THR A 29 -5.10 17.11 26.27
C THR A 29 -4.86 18.59 26.57
N ARG A 47 -1.89 2.31 33.55
CA ARG A 47 -0.96 1.25 33.92
C ARG A 47 0.07 1.00 32.82
N ASP A 48 0.50 2.09 32.18
CA ASP A 48 1.48 2.08 31.10
C ASP A 48 1.02 1.21 29.93
N ILE A 49 -0.12 1.61 29.35
CA ILE A 49 -0.64 0.99 28.14
C ILE A 49 -0.24 1.74 26.89
N GLY A 50 0.74 2.63 26.98
CA GLY A 50 1.17 3.39 25.82
C GLY A 50 1.80 2.52 24.75
N LEU A 51 2.36 1.37 25.15
CA LEU A 51 2.91 0.42 24.18
C LEU A 51 1.81 -0.11 23.26
N LEU A 52 0.68 -0.49 23.84
CA LEU A 52 -0.44 -1.01 23.04
C LEU A 52 -0.99 0.07 22.11
N VAL A 53 -1.11 1.29 22.60
CA VAL A 53 -1.62 2.39 21.79
C VAL A 53 -0.64 2.73 20.67
N GLY A 54 0.66 2.69 20.94
CA GLY A 54 1.63 2.91 19.88
C GLY A 54 1.61 1.82 18.83
N GLY A 55 1.44 0.56 19.25
CA GLY A 55 1.28 -0.52 18.29
C GLY A 55 0.03 -0.36 17.44
N PHE A 56 -1.08 0.07 18.05
CA PHE A 56 -2.30 0.36 17.30
C PHE A 56 -2.06 1.48 16.28
N THR A 57 -1.34 2.52 16.69
CA THR A 57 -1.08 3.65 15.81
C THR A 57 -0.21 3.23 14.62
N MET A 58 0.84 2.44 14.88
CA MET A 58 1.68 1.96 13.80
C MET A 58 0.91 1.02 12.86
N THR A 59 0.03 0.19 13.43
CA THR A 59 -0.78 -0.70 12.62
C THR A 59 -1.74 0.06 11.71
N ALA A 60 -2.35 1.12 12.25
CA ALA A 60 -3.38 1.86 11.51
C ALA A 60 -2.84 2.59 10.29
N THR A 61 -1.52 2.73 10.16
CA THR A 61 -0.96 3.34 8.96
C THR A 61 -1.17 2.45 7.74
N TRP A 62 -0.82 1.17 7.84
CA TRP A 62 -0.94 0.28 6.69
C TRP A 62 -2.37 -0.25 6.56
N VAL A 63 -2.99 -0.62 7.67
CA VAL A 63 -4.34 -1.19 7.64
C VAL A 63 -5.34 -0.06 7.41
N GLY A 64 -5.99 -0.10 6.26
CA GLY A 64 -7.03 0.87 5.92
C GLY A 64 -7.95 0.22 4.94
N GLY A 65 -8.59 1.04 4.11
CA GLY A 65 -9.46 0.49 3.08
C GLY A 65 -8.69 -0.29 2.04
N GLY A 66 -7.53 0.23 1.64
CA GLY A 66 -6.72 -0.46 0.65
C GLY A 66 -6.24 -1.82 1.12
N TYR A 67 -5.78 -1.90 2.38
CA TYR A 67 -5.25 -3.15 2.91
C TYR A 67 -6.33 -4.25 2.92
N ILE A 68 -7.47 -3.99 3.55
CA ILE A 68 -8.48 -5.02 3.70
C ILE A 68 -9.16 -5.33 2.36
N ASN A 69 -9.43 -4.30 1.54
CA ASN A 69 -10.03 -4.53 0.24
C ASN A 69 -9.09 -5.30 -0.70
N GLY A 70 -7.80 -4.97 -0.70
CA GLY A 70 -6.86 -5.70 -1.53
C GLY A 70 -6.66 -7.13 -1.07
N THR A 71 -6.61 -7.35 0.25
CA THR A 71 -6.48 -8.71 0.78
C THR A 71 -7.70 -9.55 0.40
N ALA A 72 -8.90 -8.98 0.55
CA ALA A 72 -10.11 -9.71 0.19
C ALA A 72 -10.17 -9.98 -1.31
N GLU A 73 -9.73 -9.01 -2.12
CA GLU A 73 -9.70 -9.21 -3.57
C GLU A 73 -8.71 -10.31 -3.95
N ALA A 74 -7.51 -10.29 -3.36
CA ALA A 74 -6.48 -11.27 -3.69
C ALA A 74 -6.91 -12.68 -3.30
N VAL A 75 -7.55 -12.83 -2.15
CA VAL A 75 -8.09 -14.14 -1.80
C VAL A 75 -9.25 -14.52 -2.71
N TYR A 76 -10.05 -13.52 -3.15
CA TYR A 76 -11.27 -13.82 -3.90
C TYR A 76 -11.00 -14.23 -5.34
N VAL A 77 -10.03 -13.61 -6.00
CA VAL A 77 -9.79 -13.88 -7.44
C VAL A 77 -9.28 -15.30 -7.62
N PRO A 78 -9.83 -16.08 -8.54
CA PRO A 78 -9.38 -17.47 -8.72
C PRO A 78 -7.92 -17.61 -9.12
N GLY A 79 -7.36 -16.62 -9.83
CA GLY A 79 -5.98 -16.72 -10.26
C GLY A 79 -5.00 -16.66 -9.11
N TYR A 80 -5.32 -15.89 -8.07
CA TYR A 80 -4.38 -15.66 -6.98
C TYR A 80 -4.57 -16.62 -5.82
N GLY A 81 -5.74 -16.60 -5.18
CA GLY A 81 -5.94 -17.37 -3.97
C GLY A 81 -5.23 -16.76 -2.78
N LEU A 82 -5.24 -17.51 -1.68
CA LEU A 82 -4.54 -17.05 -0.47
C LEU A 82 -3.04 -17.12 -0.64
N ALA A 83 -2.54 -18.12 -1.37
CA ALA A 83 -1.10 -18.31 -1.51
C ALA A 83 -0.44 -17.13 -2.22
N TRP A 84 -1.11 -16.57 -3.22
CA TRP A 84 -0.58 -15.42 -3.94
C TRP A 84 -0.96 -14.10 -3.28
N ALA A 85 -1.80 -14.12 -2.25
CA ALA A 85 -2.13 -12.92 -1.48
C ALA A 85 -1.00 -12.59 -0.53
N GLN A 86 0.15 -12.19 -1.08
CA GLN A 86 1.36 -12.02 -0.29
C GLN A 86 1.47 -10.63 0.33
N ALA A 87 0.59 -9.70 -0.04
CA ALA A 87 0.68 -8.34 0.47
C ALA A 87 0.47 -8.25 1.98
N PRO A 88 -0.54 -8.88 2.60
CA PRO A 88 -0.62 -8.81 4.08
C PRO A 88 0.55 -9.47 4.80
N ILE A 89 0.89 -10.70 4.42
CA ILE A 89 1.99 -11.42 5.06
C ILE A 89 3.32 -10.72 4.78
N GLY A 90 3.52 -10.31 3.53
CA GLY A 90 4.75 -9.61 3.17
C GLY A 90 4.88 -8.27 3.87
N TYR A 91 3.76 -7.56 4.05
CA TYR A 91 3.81 -6.27 4.72
C TYR A 91 3.93 -6.41 6.24
N SER A 92 3.53 -7.53 6.82
CA SER A 92 3.84 -7.79 8.22
C SER A 92 5.30 -8.17 8.39
N LEU A 93 5.83 -9.01 7.49
CA LEU A 93 7.24 -9.36 7.54
C LEU A 93 8.13 -8.14 7.26
N SER A 94 7.62 -7.17 6.49
CA SER A 94 8.34 -5.92 6.32
C SER A 94 8.47 -5.17 7.64
N LEU A 95 7.43 -5.16 8.45
CA LEU A 95 7.52 -4.54 9.78
C LEU A 95 8.49 -5.30 10.67
N ILE A 96 8.47 -6.63 10.62
CA ILE A 96 9.42 -7.43 11.40
C ILE A 96 10.85 -7.14 10.97
N LEU A 97 11.11 -7.14 9.66
CA LEU A 97 12.46 -6.92 9.17
C LEU A 97 12.92 -5.49 9.42
N GLY A 98 12.00 -4.52 9.35
CA GLY A 98 12.34 -3.16 9.72
C GLY A 98 12.74 -3.05 11.17
N GLY A 99 11.92 -3.59 12.07
CA GLY A 99 12.23 -3.54 13.49
C GLY A 99 13.51 -4.26 13.85
N LEU A 100 13.83 -5.32 13.12
CA LEU A 100 15.09 -6.03 13.35
C LEU A 100 16.29 -5.25 12.82
N PHE A 101 16.30 -4.92 11.53
CA PHE A 101 17.56 -4.51 10.90
C PHE A 101 17.61 -3.01 10.57
N PHE A 102 16.46 -2.38 10.28
CA PHE A 102 16.52 -1.05 9.70
C PHE A 102 16.33 0.04 10.74
N ALA A 103 15.61 -0.26 11.82
CA ALA A 103 15.33 0.75 12.84
C ALA A 103 16.60 1.20 13.54
N LYS A 104 17.51 0.26 13.84
CA LYS A 104 18.67 0.62 14.66
C LYS A 104 19.74 1.38 13.88
N PRO A 105 20.10 1.03 12.63
CA PRO A 105 20.92 1.96 11.84
C PRO A 105 20.32 3.35 11.69
N MET A 106 19.01 3.44 11.46
CA MET A 106 18.36 4.73 11.23
C MET A 106 18.44 5.61 12.47
N ARG A 107 18.24 5.02 13.65
CA ARG A 107 18.34 5.78 14.89
C ARG A 107 19.79 6.05 15.25
N SER A 108 20.69 5.11 14.94
CA SER A 108 22.10 5.29 15.27
C SER A 108 22.72 6.42 14.48
N LYS A 109 22.37 6.52 13.19
CA LYS A 109 22.91 7.60 12.37
C LYS A 109 22.20 8.93 12.57
N GLY A 110 21.11 8.95 13.33
CA GLY A 110 20.45 10.20 13.68
C GLY A 110 19.51 10.76 12.64
N TYR A 111 19.00 9.93 11.74
CA TYR A 111 18.07 10.42 10.73
C TYR A 111 16.72 10.81 11.36
N VAL A 112 16.06 11.78 10.75
CA VAL A 112 14.74 12.21 11.19
C VAL A 112 13.68 11.93 10.12
N THR A 113 14.07 11.73 8.88
CA THR A 113 13.14 11.54 7.77
C THR A 113 13.62 10.35 6.95
N MET A 114 12.67 9.64 6.33
CA MET A 114 13.02 8.45 5.55
C MET A 114 13.88 8.81 4.35
N LEU A 115 13.59 9.94 3.69
CA LEU A 115 14.32 10.36 2.51
C LEU A 115 15.51 11.26 2.85
N ASP A 116 15.69 11.59 4.12
CA ASP A 116 16.89 12.30 4.55
C ASP A 116 18.20 11.57 4.22
N PRO A 117 18.34 10.24 4.40
CA PRO A 117 19.61 9.59 4.00
C PRO A 117 19.96 9.79 2.53
N PHE A 118 18.96 9.80 1.64
CA PHE A 118 19.25 10.05 0.23
C PHE A 118 19.78 11.45 0.02
N GLN A 119 19.19 12.44 0.70
CA GLN A 119 19.62 13.83 0.52
C GLN A 119 21.00 14.07 1.11
N GLN A 120 21.35 13.35 2.19
CA GLN A 120 22.64 13.58 2.83
C GLN A 120 23.81 13.14 1.94
N ILE A 121 23.72 11.94 1.38
CA ILE A 121 24.82 11.42 0.56
C ILE A 121 24.64 11.83 -0.90
N TYR A 122 23.52 11.43 -1.50
CA TYR A 122 23.37 11.61 -2.95
C TYR A 122 23.13 13.06 -3.34
N GLY A 123 22.60 13.87 -2.44
CA GLY A 123 22.31 15.26 -2.73
C GLY A 123 20.83 15.53 -2.93
N LYS A 124 20.50 16.81 -3.07
CA LYS A 124 19.10 17.23 -3.16
C LYS A 124 18.50 16.92 -4.52
N ARG A 125 19.26 17.07 -5.60
CA ARG A 125 18.72 16.77 -6.92
C ARG A 125 18.49 15.28 -7.11
N MET A 126 19.46 14.45 -6.70
CA MET A 126 19.21 13.02 -6.67
C MET A 126 18.19 12.65 -5.60
N GLY A 127 18.07 13.48 -4.57
CA GLY A 127 16.98 13.30 -3.62
C GLY A 127 15.63 13.42 -4.28
N GLY A 128 15.45 14.42 -5.14
CA GLY A 128 14.21 14.52 -5.90
C GLY A 128 14.05 13.41 -6.92
N LEU A 129 15.16 12.99 -7.54
CA LEU A 129 15.10 11.92 -8.52
C LEU A 129 14.65 10.60 -7.87
N LEU A 130 15.09 10.34 -6.65
CA LEU A 130 14.58 9.21 -5.86
C LEU A 130 13.21 9.49 -5.26
N PHE A 131 12.88 10.76 -5.07
CA PHE A 131 11.58 11.16 -4.55
C PHE A 131 10.46 10.80 -5.51
N ILE A 132 10.71 10.94 -6.82
CA ILE A 132 9.67 10.70 -7.81
C ILE A 132 9.10 9.28 -7.74
N PRO A 133 9.91 8.20 -7.64
CA PRO A 133 9.29 6.89 -7.37
C PRO A 133 8.54 6.81 -6.05
N ALA A 134 9.01 7.51 -5.02
CA ALA A 134 8.27 7.56 -3.76
C ALA A 134 6.92 8.26 -3.94
N LEU A 135 6.91 9.34 -4.71
CA LEU A 135 5.65 10.03 -5.02
C LEU A 135 4.71 9.11 -5.78
N MET A 136 5.24 8.37 -6.76
CA MET A 136 4.38 7.48 -7.53
C MET A 136 3.86 6.32 -6.68
N GLY A 137 4.67 5.82 -5.74
CA GLY A 137 4.17 4.80 -4.82
C GLY A 137 3.07 5.34 -3.91
N GLU A 138 3.27 6.55 -3.37
CA GLU A 138 2.23 7.19 -2.56
C GLU A 138 0.96 7.41 -3.37
N MET A 139 1.10 7.77 -4.65
CA MET A 139 -0.05 8.02 -5.50
C MET A 139 -0.78 6.73 -5.85
N PHE A 140 -0.05 5.64 -6.10
CA PHE A 140 -0.69 4.34 -6.29
C PHE A 140 -1.43 3.89 -5.04
N TRP A 141 -0.81 4.10 -3.87
CA TRP A 141 -1.46 3.72 -2.61
C TRP A 141 -2.71 4.55 -2.37
N ALA A 142 -2.64 5.86 -2.65
CA ALA A 142 -3.81 6.73 -2.49
C ALA A 142 -4.90 6.42 -3.49
N ALA A 143 -4.52 6.00 -4.72
CA ALA A 143 -5.52 5.56 -5.69
C ALA A 143 -6.21 4.29 -5.25
N ALA A 144 -5.46 3.35 -4.64
CA ALA A 144 -6.09 2.16 -4.09
C ALA A 144 -7.04 2.49 -2.95
N ILE A 145 -6.63 3.42 -2.07
CA ILE A 145 -7.49 3.84 -0.97
C ILE A 145 -8.75 4.52 -1.50
N PHE A 146 -8.60 5.41 -2.49
CA PHE A 146 -9.75 6.06 -3.10
C PHE A 146 -10.68 5.07 -3.80
N SER A 147 -10.11 4.07 -4.48
CA SER A 147 -10.93 3.05 -5.12
C SER A 147 -11.72 2.26 -4.07
N ALA A 148 -11.07 1.89 -2.96
CA ALA A 148 -11.76 1.14 -1.91
C ALA A 148 -12.87 1.97 -1.27
N LEU A 149 -12.57 3.24 -0.97
CA LEU A 149 -13.56 4.10 -0.34
C LEU A 149 -14.73 4.38 -1.27
N GLY A 150 -14.44 4.65 -2.54
CA GLY A 150 -15.51 4.84 -3.51
C GLY A 150 -16.33 3.59 -3.73
N ALA A 151 -15.69 2.42 -3.68
CA ALA A 151 -16.43 1.16 -3.78
C ALA A 151 -17.37 0.97 -2.62
N THR A 152 -16.90 1.23 -1.40
CA THR A 152 -17.74 1.08 -0.21
C THR A 152 -18.92 2.05 -0.25
N ILE A 153 -18.66 3.31 -0.63
CA ILE A 153 -19.70 4.32 -0.72
C ILE A 153 -20.70 3.96 -1.82
N SER A 154 -20.20 3.49 -2.96
CA SER A 154 -21.07 3.10 -4.06
C SER A 154 -21.90 1.87 -3.73
N VAL A 155 -21.42 1.04 -2.81
CA VAL A 155 -22.20 -0.14 -2.42
C VAL A 155 -23.31 0.26 -1.46
N ILE A 156 -23.00 1.04 -0.42
CA ILE A 156 -24.03 1.30 0.60
C ILE A 156 -24.99 2.42 0.16
N ILE A 157 -24.46 3.49 -0.42
CA ILE A 157 -25.33 4.57 -0.89
C ILE A 157 -26.06 4.14 -2.16
N ASP A 158 -25.45 3.27 -2.96
CA ASP A 158 -25.95 2.68 -4.21
C ASP A 158 -25.97 3.70 -5.34
N VAL A 159 -25.16 4.77 -5.23
CA VAL A 159 -24.89 5.65 -6.36
C VAL A 159 -23.73 5.06 -7.18
N ASP A 160 -23.48 5.62 -8.35
CA ASP A 160 -22.55 5.04 -9.30
C ASP A 160 -21.11 5.03 -8.77
N MET A 161 -20.33 4.06 -9.24
CA MET A 161 -18.94 3.90 -8.83
C MET A 161 -18.10 5.12 -9.14
N HIS A 162 -18.20 5.63 -10.37
CA HIS A 162 -17.37 6.77 -10.78
C HIS A 162 -17.71 8.02 -9.99
N ILE A 163 -19.01 8.28 -9.82
CA ILE A 163 -19.45 9.43 -9.03
C ILE A 163 -19.05 9.27 -7.57
N SER A 164 -19.14 8.05 -7.05
CA SER A 164 -18.74 7.80 -5.67
C SER A 164 -17.26 8.09 -5.46
N VAL A 165 -16.41 7.62 -6.38
CA VAL A 165 -14.98 7.88 -6.28
C VAL A 165 -14.70 9.37 -6.36
N ILE A 166 -15.35 10.07 -7.31
CA ILE A 166 -15.10 11.50 -7.48
C ILE A 166 -15.52 12.28 -6.24
N ILE A 167 -16.72 12.01 -5.71
CA ILE A 167 -17.22 12.77 -4.58
C ILE A 167 -16.43 12.45 -3.31
N SER A 168 -16.08 11.18 -3.10
CA SER A 168 -15.30 10.82 -1.92
C SER A 168 -13.92 11.46 -1.96
N ALA A 169 -13.25 11.42 -3.12
CA ALA A 169 -11.96 12.09 -3.26
C ALA A 169 -12.10 13.60 -3.11
N LEU A 170 -13.21 14.18 -3.56
CA LEU A 170 -13.41 15.62 -3.42
C LEU A 170 -13.62 16.02 -1.97
N ILE A 171 -14.38 15.22 -1.20
CA ILE A 171 -14.56 15.50 0.22
C ILE A 171 -13.23 15.36 0.96
N ALA A 172 -12.45 14.34 0.61
CA ALA A 172 -11.12 14.20 1.22
C ALA A 172 -10.22 15.37 0.87
N THR A 173 -10.29 15.83 -0.38
CA THR A 173 -9.47 16.96 -0.83
C THR A 173 -9.87 18.24 -0.12
N LEU A 174 -11.18 18.44 0.10
CA LEU A 174 -11.62 19.64 0.82
C LEU A 174 -11.30 19.57 2.30
N TYR A 175 -11.36 18.38 2.90
CA TYR A 175 -10.98 18.24 4.30
C TYR A 175 -9.48 18.52 4.47
N THR A 176 -8.66 18.04 3.54
CA THR A 176 -7.24 18.35 3.56
C THR A 176 -7.00 19.84 3.30
N LEU A 177 -7.79 20.42 2.40
CA LEU A 177 -7.55 21.78 1.93
C LEU A 177 -7.94 22.80 2.99
N VAL A 178 -9.10 22.62 3.64
CA VAL A 178 -9.58 23.57 4.64
C VAL A 178 -9.05 23.27 6.03
N GLY A 179 -8.96 22.01 6.42
CA GLY A 179 -8.47 21.65 7.73
C GLY A 179 -9.40 20.72 8.49
N SER A 183 -6.86 20.23 16.68
CA SER A 183 -7.40 19.09 17.41
C SER A 183 -7.31 17.82 16.58
N VAL A 184 -8.36 16.99 16.65
CA VAL A 184 -8.49 15.75 15.90
C VAL A 184 -7.31 14.85 16.26
N ALA A 185 -7.27 14.39 17.50
CA ALA A 185 -6.17 13.57 18.00
C ALA A 185 -6.66 12.16 18.34
N TYR A 186 -5.71 11.21 18.33
CA TYR A 186 -5.96 9.80 18.65
C TYR A 186 -6.98 9.16 17.71
N THR A 187 -7.07 9.66 16.49
CA THR A 187 -8.10 9.17 15.58
C THR A 187 -7.74 7.81 14.98
N ASP A 188 -6.44 7.53 14.83
CA ASP A 188 -6.00 6.30 14.17
C ASP A 188 -6.47 5.06 14.93
N VAL A 189 -6.36 5.11 16.26
CA VAL A 189 -6.84 4.01 17.10
C VAL A 189 -8.35 3.85 16.94
N VAL A 190 -9.07 4.97 16.81
CA VAL A 190 -10.52 4.90 16.66
C VAL A 190 -10.91 4.27 15.32
N GLN A 191 -10.23 4.67 14.24
CA GLN A 191 -10.51 4.06 12.94
C GLN A 191 -10.15 2.58 12.92
N LEU A 192 -9.02 2.20 13.52
CA LEU A 192 -8.64 0.80 13.57
C LEU A 192 -9.62 -0.03 14.39
N PHE A 193 -10.08 0.52 15.52
CA PHE A 193 -11.07 -0.17 16.33
C PHE A 193 -12.40 -0.29 15.59
N CYS A 194 -12.79 0.76 14.86
CA CYS A 194 -14.03 0.72 14.09
C CYS A 194 -13.95 -0.34 12.98
N ILE A 195 -12.82 -0.40 12.28
CA ILE A 195 -12.64 -1.42 11.24
C ILE A 195 -12.65 -2.81 11.86
N PHE A 196 -11.95 -3.00 12.98
CA PHE A 196 -11.89 -4.29 13.63
C PHE A 196 -13.27 -4.76 14.09
N VAL A 197 -14.03 -3.87 14.74
CA VAL A 197 -15.35 -4.24 15.24
C VAL A 197 -16.32 -4.48 14.09
N GLY A 198 -16.31 -3.61 13.08
CA GLY A 198 -17.22 -3.77 11.96
C GLY A 198 -16.94 -5.02 11.16
N LEU A 199 -15.67 -5.41 11.04
CA LEU A 199 -15.34 -6.64 10.34
C LEU A 199 -15.67 -7.88 11.18
N TRP A 200 -15.33 -7.85 12.47
CA TRP A 200 -15.49 -9.04 13.30
C TRP A 200 -16.90 -9.19 13.85
N ILE A 201 -17.77 -8.21 13.64
CA ILE A 201 -19.19 -8.40 13.92
C ILE A 201 -19.95 -8.77 12.67
N SER A 202 -19.33 -8.68 11.50
CA SER A 202 -19.94 -9.08 10.24
C SER A 202 -19.50 -10.46 9.76
N VAL A 203 -18.28 -10.90 10.12
CA VAL A 203 -17.85 -12.25 9.77
C VAL A 203 -18.75 -13.33 10.35
N PRO A 204 -19.16 -13.30 11.63
CA PRO A 204 -20.11 -14.33 12.10
C PRO A 204 -21.44 -14.33 11.35
N PHE A 205 -21.93 -13.15 10.95
CA PHE A 205 -23.18 -13.10 10.20
C PHE A 205 -22.96 -13.51 8.74
N ALA A 206 -21.81 -13.16 8.17
CA ALA A 206 -21.52 -13.55 6.79
C ALA A 206 -21.33 -15.06 6.66
N LEU A 207 -20.64 -15.66 7.63
CA LEU A 207 -20.43 -17.10 7.60
C LEU A 207 -21.73 -17.86 7.79
N SER A 208 -22.67 -17.29 8.55
CA SER A 208 -23.95 -17.93 8.83
C SER A 208 -24.98 -17.71 7.73
N HIS A 209 -24.64 -16.96 6.68
CA HIS A 209 -25.56 -16.75 5.59
C HIS A 209 -25.83 -18.05 4.85
N PRO A 210 -27.07 -18.30 4.42
CA PRO A 210 -27.36 -19.56 3.71
C PRO A 210 -26.60 -19.74 2.41
N ALA A 211 -26.31 -18.65 1.70
CA ALA A 211 -25.64 -18.76 0.40
C ALA A 211 -24.21 -19.26 0.56
N VAL A 212 -23.55 -18.91 1.66
CA VAL A 212 -22.14 -19.27 1.84
C VAL A 212 -22.03 -20.74 2.21
N ALA A 213 -21.23 -21.47 1.44
CA ALA A 213 -20.89 -22.84 1.78
C ALA A 213 -19.77 -22.87 2.81
N ASP A 214 -19.38 -24.08 3.21
CA ASP A 214 -18.29 -24.24 4.16
C ASP A 214 -16.99 -23.73 3.57
N ILE A 215 -16.31 -22.86 4.32
CA ILE A 215 -15.04 -22.30 3.84
C ILE A 215 -13.87 -23.24 4.10
N GLY A 216 -14.02 -24.21 5.00
CA GLY A 216 -13.00 -25.24 5.13
C GLY A 216 -12.95 -26.16 3.93
N PHE A 217 -14.11 -26.52 3.40
CA PHE A 217 -14.16 -27.40 2.23
C PHE A 217 -13.76 -26.65 0.97
N THR A 218 -14.19 -25.39 0.84
CA THR A 218 -13.86 -24.59 -0.34
C THR A 218 -12.38 -24.27 -0.42
N ALA A 219 -11.66 -24.31 0.71
CA ALA A 219 -10.24 -24.00 0.72
C ALA A 219 -9.43 -25.01 -0.09
N VAL A 220 -9.82 -26.28 -0.08
CA VAL A 220 -9.03 -27.32 -0.71
C VAL A 220 -9.76 -27.93 -1.90
N HIS A 221 -11.08 -27.72 -1.97
CA HIS A 221 -11.89 -28.28 -3.04
C HIS A 221 -12.70 -27.17 -3.70
N ALA A 222 -13.04 -27.39 -4.98
CA ALA A 222 -13.71 -26.38 -5.79
C ALA A 222 -15.22 -26.64 -5.81
N LYS A 223 -16.00 -25.62 -5.43
CA LYS A 223 -17.46 -25.70 -5.50
C LYS A 223 -18.00 -24.67 -6.50
N TYR A 224 -17.67 -23.39 -6.33
CA TYR A 224 -18.12 -22.34 -7.24
C TYR A 224 -17.01 -21.80 -8.12
N GLN A 225 -15.79 -21.74 -7.59
CA GLN A 225 -14.62 -21.32 -8.36
C GLN A 225 -13.44 -22.16 -7.88
N LYS A 226 -12.24 -21.79 -8.30
CA LYS A 226 -11.05 -22.51 -7.88
C LYS A 226 -10.83 -22.29 -6.38
N PRO A 227 -10.21 -23.28 -5.68
CA PRO A 227 -10.02 -23.15 -4.22
C PRO A 227 -9.25 -21.90 -3.81
N TRP A 228 -9.70 -21.26 -2.73
CA TRP A 228 -9.17 -19.94 -2.37
C TRP A 228 -7.83 -20.02 -1.65
N LEU A 229 -7.35 -21.21 -1.28
CA LEU A 229 -5.96 -21.33 -0.87
C LEU A 229 -5.03 -21.10 -2.04
N GLY A 230 -5.41 -21.58 -3.23
CA GLY A 230 -4.59 -21.45 -4.40
C GLY A 230 -3.50 -22.50 -4.46
N THR A 231 -2.71 -22.42 -5.54
CA THR A 231 -1.58 -23.29 -5.72
C THR A 231 -0.47 -22.54 -6.45
N VAL A 232 0.76 -22.96 -6.21
CA VAL A 232 1.93 -22.40 -6.87
C VAL A 232 2.57 -23.50 -7.71
N ASP A 233 2.66 -23.25 -9.01
CA ASP A 233 3.27 -24.22 -9.92
C ASP A 233 4.78 -24.22 -9.74
N SER A 234 5.41 -25.31 -10.17
CA SER A 234 6.86 -25.47 -10.02
C SER A 234 7.62 -24.40 -10.81
N SER A 235 7.14 -24.09 -12.01
CA SER A 235 7.73 -23.00 -12.79
C SER A 235 7.47 -21.66 -12.12
N GLU A 236 6.33 -21.51 -11.44
CA GLU A 236 5.96 -20.22 -10.86
C GLU A 236 6.65 -19.96 -9.52
N VAL A 237 7.36 -20.94 -8.96
CA VAL A 237 8.00 -20.77 -7.66
C VAL A 237 9.00 -19.62 -7.69
N TYR A 238 9.85 -19.59 -8.72
CA TYR A 238 10.78 -18.47 -8.89
C TYR A 238 10.03 -17.17 -9.11
N SER A 239 8.87 -17.23 -9.75
CA SER A 239 8.00 -16.06 -9.83
C SER A 239 7.45 -15.70 -8.44
N TRP A 240 7.04 -16.71 -7.68
CA TRP A 240 6.36 -16.48 -6.41
C TRP A 240 7.25 -15.73 -5.44
N LEU A 241 8.47 -16.23 -5.23
CA LEU A 241 9.45 -15.52 -4.41
C LEU A 241 9.72 -14.13 -4.95
N ASP A 242 9.72 -13.99 -6.28
CA ASP A 242 9.92 -12.69 -6.91
C ASP A 242 8.83 -11.70 -6.47
N SER A 243 7.60 -12.19 -6.33
CA SER A 243 6.55 -11.35 -5.76
C SER A 243 6.77 -11.18 -4.26
N PHE A 244 7.12 -12.26 -3.57
CA PHE A 244 7.18 -12.22 -2.11
C PHE A 244 8.31 -11.31 -1.63
N LEU A 245 9.46 -11.36 -2.32
CA LEU A 245 10.54 -10.43 -2.00
C LEU A 245 10.16 -9.00 -2.36
N LEU A 246 9.26 -8.82 -3.33
CA LEU A 246 8.85 -7.48 -3.71
C LEU A 246 8.02 -6.82 -2.63
N LEU A 247 7.08 -7.55 -2.04
CA LEU A 247 6.20 -6.97 -1.03
C LEU A 247 6.87 -6.92 0.34
N MET A 248 7.71 -7.90 0.65
CA MET A 248 8.36 -7.94 1.96
C MET A 248 9.47 -6.89 2.06
N LEU A 249 10.22 -6.69 0.98
CA LEU A 249 11.32 -5.73 1.01
C LEU A 249 10.93 -4.37 0.45
N GLY A 250 9.95 -4.31 -0.44
CA GLY A 250 9.47 -3.03 -0.93
C GLY A 250 8.59 -2.28 0.04
N GLY A 251 8.02 -2.97 1.01
CA GLY A 251 7.19 -2.31 2.02
C GLY A 251 7.95 -1.66 3.14
N ILE A 252 9.27 -1.84 3.19
CA ILE A 252 10.09 -1.25 4.25
C ILE A 252 10.36 0.23 3.99
N PRO A 253 10.90 0.66 2.81
CA PRO A 253 11.22 2.11 2.72
C PRO A 253 10.02 3.00 2.43
N TRP A 254 9.20 3.23 3.45
CA TRP A 254 8.01 4.07 3.33
C TRP A 254 8.04 5.14 4.41
N GLN A 255 7.54 6.33 4.06
CA GLN A 255 7.64 7.48 4.95
C GLN A 255 6.77 7.32 6.20
N ALA A 256 5.56 6.77 6.05
CA ALA A 256 4.63 6.68 7.17
C ALA A 256 5.16 5.78 8.27
N TYR A 257 5.83 4.68 7.89
CA TYR A 257 6.45 3.80 8.87
C TYR A 257 7.63 4.48 9.54
N PHE A 258 8.52 5.08 8.75
CA PHE A 258 9.80 5.54 9.26
C PHE A 258 9.67 6.80 10.10
N GLN A 259 8.65 7.62 9.84
CA GLN A 259 8.45 8.83 10.65
C GLN A 259 8.12 8.46 12.10
N ARG A 260 7.28 7.45 12.30
CA ARG A 260 6.96 7.02 13.66
C ARG A 260 8.09 6.18 14.24
N VAL A 261 8.84 5.47 13.39
CA VAL A 261 10.03 4.76 13.88
C VAL A 261 11.05 5.73 14.47
N LEU A 262 11.33 6.82 13.76
CA LEU A 262 12.31 7.78 14.25
C LEU A 262 11.72 8.71 15.31
N SER A 263 10.39 8.82 15.36
CA SER A 263 9.76 9.68 16.36
C SER A 263 9.88 9.09 17.76
N SER A 264 9.98 7.76 17.85
CA SER A 264 10.04 7.09 19.15
C SER A 264 11.30 7.47 19.91
N SER A 265 11.18 7.54 21.24
CA SER A 265 12.29 8.00 22.06
C SER A 265 13.38 6.94 22.19
N SER A 266 13.00 5.67 22.35
CA SER A 266 13.95 4.59 22.58
C SER A 266 13.98 3.65 21.38
N ALA A 267 15.17 3.10 21.11
CA ALA A 267 15.33 2.18 19.98
C ALA A 267 14.59 0.87 20.22
N THR A 268 14.75 0.30 21.41
CA THR A 268 14.04 -0.93 21.74
C THR A 268 12.54 -0.71 21.74
N TYR A 269 12.10 0.49 22.12
CA TYR A 269 10.70 0.86 22.02
C TYR A 269 10.24 0.80 20.57
N ALA A 270 11.06 1.30 19.65
CA ALA A 270 10.71 1.25 18.23
C ALA A 270 10.65 -0.18 17.72
N GLN A 271 11.60 -1.04 18.15
CA GLN A 271 11.59 -2.43 17.71
C GLN A 271 10.36 -3.17 18.22
N VAL A 272 10.01 -2.98 19.50
CA VAL A 272 8.84 -3.68 20.05
C VAL A 272 7.55 -3.10 19.46
N LEU A 273 7.55 -1.81 19.13
CA LEU A 273 6.40 -1.22 18.44
C LEU A 273 6.23 -1.84 17.06
N SER A 274 7.34 -2.04 16.34
CA SER A 274 7.27 -2.68 15.03
C SER A 274 6.79 -4.13 15.14
N PHE A 275 7.25 -4.85 16.16
CA PHE A 275 6.79 -6.23 16.36
C PHE A 275 5.30 -6.28 16.69
N LEU A 276 4.83 -5.39 17.57
CA LEU A 276 3.41 -5.32 17.89
C LEU A 276 2.59 -4.93 16.67
N ALA A 277 3.12 -4.05 15.83
CA ALA A 277 2.43 -3.65 14.60
C ALA A 277 2.35 -4.80 13.62
N ALA A 278 3.40 -5.60 13.51
CA ALA A 278 3.35 -6.78 12.65
C ALA A 278 2.31 -7.78 13.17
N PHE A 279 2.25 -7.96 14.49
CA PHE A 279 1.22 -8.81 15.08
C PHE A 279 -0.17 -8.28 14.79
N GLY A 280 -0.36 -6.96 14.92
CA GLY A 280 -1.67 -6.37 14.67
C GLY A 280 -2.08 -6.44 13.22
N CYS A 281 -1.11 -6.26 12.31
CA CYS A 281 -1.39 -6.42 10.88
C CYS A 281 -1.77 -7.86 10.56
N LEU A 282 -1.07 -8.82 11.16
CA LEU A 282 -1.41 -10.24 10.95
C LEU A 282 -2.80 -10.55 11.48
N VAL A 283 -3.17 -9.98 12.63
CA VAL A 283 -4.50 -10.20 13.18
C VAL A 283 -5.57 -9.52 12.33
N MET A 284 -5.30 -8.30 11.84
CA MET A 284 -6.27 -7.58 11.03
C MET A 284 -6.44 -8.20 9.65
N ALA A 285 -5.42 -8.92 9.17
CA ALA A 285 -5.55 -9.62 7.90
C ALA A 285 -6.53 -10.80 8.00
N ILE A 286 -6.72 -11.34 9.20
CA ILE A 286 -7.57 -12.52 9.35
C ILE A 286 -9.03 -12.26 8.96
N PRO A 287 -9.70 -11.19 9.42
CA PRO A 287 -11.05 -10.94 8.88
C PRO A 287 -11.06 -10.65 7.40
N ALA A 288 -10.04 -9.99 6.86
CA ALA A 288 -9.98 -9.72 5.42
C ALA A 288 -9.85 -11.02 4.63
N ILE A 289 -8.97 -11.91 5.08
CA ILE A 289 -8.83 -13.23 4.44
C ILE A 289 -10.12 -14.01 4.56
N LEU A 290 -10.79 -13.92 5.71
CA LEU A 290 -12.05 -14.63 5.91
C LEU A 290 -13.14 -14.11 4.99
N ILE A 291 -13.22 -12.79 4.80
CA ILE A 291 -14.22 -12.22 3.91
C ILE A 291 -13.91 -12.58 2.45
N GLY A 292 -12.62 -12.60 2.09
CA GLY A 292 -12.25 -13.10 0.76
C GLY A 292 -12.64 -14.55 0.56
N ALA A 293 -12.47 -15.37 1.59
CA ALA A 293 -12.87 -16.77 1.53
C ALA A 293 -14.39 -16.90 1.40
N ILE A 294 -15.14 -16.08 2.12
CA ILE A 294 -16.60 -16.11 2.03
C ILE A 294 -17.05 -15.68 0.64
N GLY A 295 -16.42 -14.65 0.08
CA GLY A 295 -16.74 -14.23 -1.28
C GLY A 295 -16.41 -15.29 -2.31
N ALA A 296 -15.30 -15.99 -2.12
CA ALA A 296 -14.98 -17.13 -2.97
C ALA A 296 -15.90 -18.32 -2.71
N SER A 297 -16.58 -18.35 -1.57
CA SER A 297 -17.48 -19.44 -1.22
C SER A 297 -18.95 -19.10 -1.42
N THR A 298 -19.27 -17.87 -1.82
CA THR A 298 -20.65 -17.42 -1.87
C THR A 298 -21.32 -17.83 -3.18
N ASP A 299 -22.55 -18.35 -3.06
CA ASP A 299 -23.42 -18.56 -4.21
C ASP A 299 -24.19 -17.27 -4.44
N TRP A 300 -23.72 -16.45 -5.37
CA TRP A 300 -24.25 -15.10 -5.51
C TRP A 300 -25.66 -15.08 -6.10
N ASN A 301 -26.08 -16.18 -6.74
CA ASN A 301 -27.45 -16.25 -7.23
C ASN A 301 -28.45 -16.26 -6.08
N GLN A 302 -28.07 -16.81 -4.93
CA GLN A 302 -28.95 -16.80 -3.76
C GLN A 302 -29.01 -15.45 -3.08
N THR A 303 -28.01 -14.60 -3.31
CA THR A 303 -27.95 -13.31 -2.64
C THR A 303 -28.69 -12.25 -3.46
N ALA A 304 -28.86 -11.07 -2.85
CA ALA A 304 -29.51 -9.96 -3.54
C ALA A 304 -28.60 -9.33 -4.59
N TYR A 305 -27.30 -9.64 -4.56
CA TYR A 305 -26.40 -9.18 -5.61
C TYR A 305 -26.78 -9.80 -6.96
N GLY A 306 -27.12 -11.08 -6.95
CA GLY A 306 -27.57 -11.75 -8.15
C GLY A 306 -26.42 -12.14 -9.07
N LEU A 307 -26.79 -12.69 -10.22
CA LEU A 307 -25.83 -13.09 -11.23
C LEU A 307 -25.76 -12.05 -12.34
N PRO A 308 -24.58 -11.79 -12.92
CA PRO A 308 -23.28 -12.43 -12.69
C PRO A 308 -22.60 -12.04 -11.38
N ASP A 309 -21.67 -12.88 -10.93
CA ASP A 309 -20.92 -12.70 -9.70
C ASP A 309 -19.93 -11.54 -9.85
N PRO A 310 -19.38 -11.00 -8.76
CA PRO A 310 -18.52 -9.80 -8.88
C PRO A 310 -17.32 -9.95 -9.80
N LYS A 311 -16.75 -11.14 -9.93
CA LYS A 311 -15.55 -11.27 -10.77
C LYS A 311 -15.91 -11.22 -12.26
N THR A 312 -17.09 -11.70 -12.62
CA THR A 312 -17.54 -11.57 -14.02
C THR A 312 -17.93 -10.14 -14.33
N THR A 313 -18.48 -9.42 -13.34
CA THR A 313 -18.93 -8.04 -13.48
C THR A 313 -17.75 -7.07 -13.51
N GLU A 314 -16.52 -7.59 -13.39
CA GLU A 314 -15.29 -6.79 -13.22
C GLU A 314 -15.39 -5.91 -11.97
N GLU A 315 -15.97 -6.46 -10.92
CA GLU A 315 -16.09 -5.81 -9.62
C GLU A 315 -15.47 -6.68 -8.54
N ALA A 316 -14.40 -7.40 -8.88
CA ALA A 316 -13.73 -8.25 -7.91
C ALA A 316 -12.98 -7.42 -6.87
N ASP A 317 -12.62 -6.19 -7.21
CA ASP A 317 -11.99 -5.28 -6.26
C ASP A 317 -12.97 -4.71 -5.24
N MET A 318 -14.28 -4.94 -5.43
CA MET A 318 -15.31 -4.45 -4.51
C MET A 318 -15.84 -5.55 -3.61
N ILE A 319 -15.11 -6.65 -3.47
CA ILE A 319 -15.67 -7.85 -2.84
C ILE A 319 -15.95 -7.64 -1.36
N LEU A 320 -15.10 -6.88 -0.65
CA LEU A 320 -15.34 -6.67 0.79
C LEU A 320 -16.60 -5.85 1.05
N PRO A 321 -16.85 -4.70 0.40
CA PRO A 321 -18.15 -4.03 0.59
C PRO A 321 -19.34 -4.87 0.16
N ILE A 322 -19.18 -5.73 -0.85
CA ILE A 322 -20.31 -6.51 -1.35
C ILE A 322 -20.72 -7.57 -0.34
N VAL A 323 -19.74 -8.24 0.27
CA VAL A 323 -20.05 -9.26 1.27
C VAL A 323 -20.67 -8.65 2.52
N LEU A 324 -20.11 -7.53 2.98
CA LEU A 324 -20.63 -6.90 4.20
C LEU A 324 -22.02 -6.32 3.99
N GLN A 325 -22.37 -5.96 2.76
CA GLN A 325 -23.68 -5.38 2.50
C GLN A 325 -24.71 -6.45 2.19
N TYR A 326 -24.37 -7.43 1.34
CA TYR A 326 -25.34 -8.37 0.82
C TYR A 326 -25.43 -9.68 1.60
N LEU A 327 -24.44 -9.99 2.44
CA LEU A 327 -24.45 -11.22 3.22
C LEU A 327 -24.67 -10.98 4.70
N CYS A 328 -25.07 -9.77 5.09
CA CYS A 328 -25.31 -9.41 6.48
C CYS A 328 -26.72 -8.83 6.62
N PRO A 329 -27.31 -8.92 7.81
CA PRO A 329 -28.63 -8.30 8.03
C PRO A 329 -28.57 -6.79 7.93
N VAL A 330 -29.77 -6.19 7.82
CA VAL A 330 -29.87 -4.77 7.50
C VAL A 330 -29.25 -3.91 8.60
N TYR A 331 -29.54 -4.24 9.86
CA TYR A 331 -28.96 -3.48 10.97
C TYR A 331 -27.46 -3.75 11.08
N ILE A 332 -27.05 -5.02 10.89
CA ILE A 332 -25.63 -5.35 10.92
C ILE A 332 -24.88 -4.67 9.78
N SER A 333 -25.47 -4.66 8.58
CA SER A 333 -24.86 -3.93 7.46
C SER A 333 -24.77 -2.45 7.78
N PHE A 334 -25.87 -1.86 8.27
CA PHE A 334 -25.94 -0.43 8.57
C PHE A 334 -24.87 -0.02 9.55
N PHE A 335 -24.63 -0.83 10.59
CA PHE A 335 -23.59 -0.50 11.55
C PHE A 335 -22.20 -0.81 11.00
N GLY A 336 -21.93 -2.08 10.69
CA GLY A 336 -20.58 -2.49 10.37
C GLY A 336 -20.05 -1.89 9.09
N LEU A 337 -20.81 -1.98 8.00
CA LEU A 337 -20.44 -1.35 6.74
C LEU A 337 -21.01 0.05 6.78
N GLY A 338 -20.16 1.02 7.11
CA GLY A 338 -20.56 2.36 7.43
C GLY A 338 -19.73 2.85 8.59
N ALA A 339 -19.47 1.97 9.58
CA ALA A 339 -18.35 2.21 10.48
C ALA A 339 -17.05 2.05 9.73
N VAL A 340 -16.97 0.99 8.90
CA VAL A 340 -15.83 0.81 8.00
C VAL A 340 -15.74 1.98 7.01
N SER A 341 -16.89 2.44 6.49
CA SER A 341 -16.87 3.56 5.54
C SER A 341 -16.33 4.83 6.17
N ALA A 342 -16.81 5.16 7.38
CA ALA A 342 -16.32 6.35 8.06
C ALA A 342 -14.85 6.24 8.41
N ALA A 343 -14.41 5.06 8.88
CA ALA A 343 -13.00 4.87 9.20
C ALA A 343 -12.12 4.98 7.97
N VAL A 344 -12.57 4.43 6.84
CA VAL A 344 -11.79 4.48 5.62
C VAL A 344 -11.72 5.90 5.07
N MET A 345 -12.84 6.64 5.13
CA MET A 345 -12.80 8.03 4.68
C MET A 345 -11.94 8.88 5.59
N SER A 346 -11.93 8.58 6.88
CA SER A 346 -11.05 9.30 7.81
C SER A 346 -9.58 8.99 7.54
N SER A 347 -9.27 7.74 7.19
CA SER A 347 -7.89 7.37 6.92
C SER A 347 -7.44 7.81 5.53
N ALA A 348 -8.39 8.11 4.64
CA ALA A 348 -8.04 8.46 3.26
C ALA A 348 -7.27 9.77 3.19
N ASP A 349 -7.67 10.76 3.99
CA ASP A 349 -7.01 12.07 3.94
C ASP A 349 -5.62 12.03 4.55
N SER A 350 -5.33 11.01 5.37
CA SER A 350 -4.01 10.90 5.99
C SER A 350 -2.93 10.65 4.95
N SER A 351 -3.21 9.83 3.94
CA SER A 351 -2.24 9.61 2.87
C SER A 351 -2.04 10.87 2.04
N ILE A 352 -3.12 11.61 1.78
CA ILE A 352 -3.02 12.85 1.03
C ILE A 352 -2.16 13.85 1.76
N LEU A 353 -2.38 14.00 3.07
CA LEU A 353 -1.58 14.91 3.88
C LEU A 353 -0.12 14.53 3.86
N SER A 354 0.19 13.25 4.03
CA SER A 354 1.57 12.79 4.06
C SER A 354 2.26 13.04 2.74
N ALA A 355 1.61 12.66 1.63
CA ALA A 355 2.21 12.84 0.30
C ALA A 355 2.38 14.32 -0.04
N SER A 356 1.39 15.14 0.34
CA SER A 356 1.44 16.56 0.01
C SER A 356 2.53 17.27 0.82
N SER A 357 2.64 16.98 2.11
CA SER A 357 3.71 17.55 2.92
C SER A 357 5.07 17.06 2.44
N MET A 358 5.14 15.79 2.03
CA MET A 358 6.36 15.22 1.49
C MET A 358 6.80 15.94 0.22
N PHE A 359 5.85 16.23 -0.67
CA PHE A 359 6.16 17.02 -1.87
C PHE A 359 6.57 18.44 -1.50
N ALA A 360 5.86 19.07 -0.57
CA ALA A 360 6.11 20.47 -0.25
C ALA A 360 7.48 20.65 0.39
N ARG A 361 7.90 19.68 1.21
CA ARG A 361 9.17 19.80 1.91
C ARG A 361 10.35 19.33 1.07
N ASN A 362 10.23 18.16 0.42
CA ASN A 362 11.40 17.57 -0.23
C ASN A 362 11.77 18.31 -1.51
N ILE A 363 10.79 18.69 -2.33
CA ILE A 363 11.11 19.34 -3.60
C ILE A 363 11.10 20.86 -3.46
N TYR A 364 9.95 21.42 -3.10
CA TYR A 364 9.78 22.87 -3.27
C TYR A 364 10.56 23.64 -2.22
N GLN A 365 10.58 23.16 -0.97
CA GLN A 365 11.22 23.93 0.09
C GLN A 365 12.73 23.76 0.07
N LEU A 366 13.21 22.52 0.11
CA LEU A 366 14.64 22.29 0.28
C LEU A 366 15.42 22.60 -1.00
N SER A 367 14.95 22.13 -2.15
CA SER A 367 15.71 22.29 -3.38
C SER A 367 15.66 23.72 -3.90
N PHE A 368 14.48 24.34 -3.85
CA PHE A 368 14.33 25.71 -4.36
C PHE A 368 14.64 26.73 -3.27
N GLU A 376 4.08 31.38 2.26
CA GLU A 376 4.48 31.10 0.89
C GLU A 376 4.38 29.61 0.59
N ILE A 377 4.66 28.79 1.59
CA ILE A 377 4.60 27.35 1.42
C ILE A 377 3.15 26.88 1.32
N VAL A 378 2.22 27.66 1.87
CA VAL A 378 0.83 27.23 1.96
C VAL A 378 0.18 27.15 0.59
N TRP A 379 0.51 28.08 -0.31
CA TRP A 379 -0.10 28.10 -1.63
C TRP A 379 0.36 26.92 -2.47
N VAL A 380 1.67 26.64 -2.47
CA VAL A 380 2.20 25.50 -3.22
C VAL A 380 1.73 24.20 -2.62
N MET A 381 1.60 24.14 -1.28
CA MET A 381 1.05 22.95 -0.65
C MET A 381 -0.42 22.74 -1.02
N ARG A 382 -1.20 23.82 -1.12
CA ARG A 382 -2.59 23.72 -1.55
C ARG A 382 -2.68 23.17 -2.97
N ILE A 383 -1.85 23.70 -3.88
CA ILE A 383 -1.86 23.23 -5.26
C ILE A 383 -1.40 21.78 -5.32
N THR A 384 -0.44 21.40 -4.46
CA THR A 384 0.03 20.02 -4.41
C THR A 384 -1.09 19.09 -3.96
N VAL A 385 -1.84 19.49 -2.94
CA VAL A 385 -3.00 18.72 -2.50
C VAL A 385 -3.99 18.53 -3.63
N PHE A 386 -4.30 19.62 -4.34
CA PHE A 386 -5.29 19.55 -5.42
C PHE A 386 -4.83 18.61 -6.54
N VAL A 387 -3.58 18.77 -6.99
CA VAL A 387 -3.08 17.97 -8.10
C VAL A 387 -2.94 16.50 -7.70
N PHE A 388 -2.45 16.23 -6.48
CA PHE A 388 -2.29 14.85 -6.03
C PHE A 388 -3.65 14.18 -5.89
N GLY A 389 -4.63 14.89 -5.35
CA GLY A 389 -5.98 14.33 -5.26
C GLY A 389 -6.58 14.05 -6.62
N ALA A 390 -6.40 14.98 -7.57
CA ALA A 390 -6.94 14.77 -8.92
C ALA A 390 -6.26 13.60 -9.63
N SER A 391 -4.93 13.48 -9.51
CA SER A 391 -4.23 12.36 -10.14
C SER A 391 -4.62 11.02 -9.52
N ALA A 392 -4.71 10.98 -8.18
CA ALA A 392 -5.09 9.75 -7.50
C ALA A 392 -6.52 9.34 -7.86
N THR A 393 -7.45 10.29 -7.93
CA THR A 393 -8.81 9.91 -8.27
C THR A 393 -8.94 9.55 -9.75
N ALA A 394 -8.15 10.18 -10.62
CA ALA A 394 -8.19 9.83 -12.04
C ALA A 394 -7.70 8.40 -12.26
N MET A 395 -6.59 8.04 -11.61
CA MET A 395 -6.10 6.67 -11.77
C MET A 395 -6.95 5.66 -11.02
N ALA A 396 -7.62 6.09 -9.94
CA ALA A 396 -8.60 5.23 -9.30
C ALA A 396 -9.78 4.95 -10.24
N LEU A 397 -10.20 5.96 -11.00
CA LEU A 397 -11.24 5.75 -12.01
C LEU A 397 -10.76 4.84 -13.12
N LEU A 398 -9.52 5.01 -13.58
CA LEU A 398 -9.04 4.25 -14.73
C LEU A 398 -8.77 2.80 -14.37
N THR A 399 -8.13 2.55 -13.23
CA THR A 399 -7.80 1.19 -12.84
C THR A 399 -9.03 0.43 -12.37
N LYS A 400 -8.94 -0.91 -12.45
CA LYS A 400 -10.05 -1.79 -12.08
C LYS A 400 -9.66 -2.78 -10.99
N THR A 401 -8.60 -2.50 -10.22
CA THR A 401 -8.16 -3.39 -9.17
C THR A 401 -7.54 -2.60 -8.02
N VAL A 402 -7.75 -3.09 -6.80
CA VAL A 402 -7.13 -2.46 -5.63
C VAL A 402 -5.85 -3.20 -5.24
N TYR A 403 -5.88 -4.54 -5.28
CA TYR A 403 -4.69 -5.32 -4.99
C TYR A 403 -3.60 -5.06 -6.03
N GLY A 404 -3.99 -4.88 -7.29
CA GLY A 404 -3.02 -4.53 -8.31
C GLY A 404 -2.35 -3.19 -8.06
N LEU A 405 -3.13 -2.20 -7.61
CA LEU A 405 -2.57 -0.90 -7.26
C LEU A 405 -1.64 -1.01 -6.06
N TRP A 406 -1.99 -1.85 -5.08
CA TRP A 406 -1.14 -2.09 -3.92
C TRP A 406 0.20 -2.72 -4.34
N TYR A 407 0.13 -3.76 -5.17
CA TYR A 407 1.33 -4.43 -5.66
C TYR A 407 2.18 -3.48 -6.50
N LEU A 408 1.53 -2.62 -7.30
CA LEU A 408 2.25 -1.70 -8.15
C LEU A 408 2.90 -0.58 -7.34
N SER A 409 2.27 -0.18 -6.23
CA SER A 409 2.91 0.75 -5.31
C SER A 409 4.14 0.13 -4.68
N SER A 410 4.06 -1.15 -4.30
CA SER A 410 5.22 -1.83 -3.74
C SER A 410 6.31 -2.03 -4.79
N ASP A 411 5.92 -2.23 -6.06
CA ASP A 411 6.85 -2.67 -7.10
C ASP A 411 7.92 -1.61 -7.38
N LEU A 412 7.50 -0.38 -7.64
CA LEU A 412 8.45 0.66 -8.00
C LEU A 412 9.35 1.03 -6.84
N VAL A 413 8.81 1.05 -5.62
CA VAL A 413 9.62 1.31 -4.44
C VAL A 413 10.66 0.20 -4.27
N TYR A 414 10.26 -1.06 -4.44
CA TYR A 414 11.20 -2.18 -4.33
C TYR A 414 12.29 -2.09 -5.39
N ILE A 415 11.92 -1.72 -6.61
CA ILE A 415 12.89 -1.66 -7.69
C ILE A 415 13.89 -0.53 -7.47
N VAL A 416 13.41 0.64 -7.06
CA VAL A 416 14.27 1.82 -7.05
C VAL A 416 14.82 2.11 -5.66
N ILE A 417 13.93 2.34 -4.69
CA ILE A 417 14.35 2.92 -3.41
C ILE A 417 15.09 1.92 -2.54
N PHE A 418 14.60 0.67 -2.50
CA PHE A 418 15.16 -0.33 -1.58
C PHE A 418 16.64 -0.63 -1.82
N PRO A 419 17.13 -0.84 -3.06
CA PRO A 419 18.59 -0.93 -3.23
C PRO A 419 19.34 0.30 -2.78
N GLN A 420 18.77 1.48 -3.02
CA GLN A 420 19.39 2.72 -2.58
C GLN A 420 19.39 2.83 -1.06
N LEU A 421 18.31 2.38 -0.41
CA LEU A 421 18.27 2.37 1.06
C LEU A 421 19.31 1.43 1.63
N LEU A 422 19.44 0.24 1.02
CA LEU A 422 20.48 -0.69 1.45
C LEU A 422 21.87 -0.09 1.26
N CYS A 423 22.08 0.63 0.16
CA CYS A 423 23.39 1.22 -0.10
C CYS A 423 23.71 2.35 0.86
N VAL A 424 22.72 3.17 1.22
CA VAL A 424 23.01 4.29 2.11
C VAL A 424 23.12 3.82 3.56
N LEU A 425 22.48 2.71 3.90
CA LEU A 425 22.53 2.27 5.30
C LEU A 425 23.68 1.30 5.56
N PHE A 426 23.71 0.18 4.83
CA PHE A 426 24.64 -0.89 5.15
C PHE A 426 25.92 -0.89 4.33
N VAL A 427 25.96 -0.15 3.23
CA VAL A 427 27.12 -0.14 2.34
C VAL A 427 27.90 1.15 2.56
N LYS A 428 29.21 1.04 2.71
CA LYS A 428 30.09 2.19 2.84
C LYS A 428 30.84 2.42 1.54
N GLY A 429 30.94 3.68 1.13
CA GLY A 429 31.61 4.03 -0.10
C GLY A 429 30.71 4.22 -1.29
N THR A 430 29.40 4.14 -1.12
CA THR A 430 28.48 4.44 -2.23
C THR A 430 28.46 5.96 -2.47
N ASN A 431 28.08 6.33 -3.69
CA ASN A 431 28.10 7.73 -4.08
C ASN A 431 27.02 7.98 -5.11
N THR A 432 27.04 9.19 -5.70
CA THR A 432 25.97 9.62 -6.59
C THR A 432 26.06 8.94 -7.95
N TYR A 433 27.29 8.70 -8.43
CA TYR A 433 27.47 8.02 -9.71
C TYR A 433 26.88 6.61 -9.69
N GLY A 434 27.20 5.86 -8.64
CA GLY A 434 26.61 4.53 -8.50
C GLY A 434 25.10 4.60 -8.28
N ALA A 435 24.64 5.65 -7.59
CA ALA A 435 23.21 5.82 -7.39
C ALA A 435 22.47 5.99 -8.71
N VAL A 436 23.00 6.85 -9.58
CA VAL A 436 22.38 7.09 -10.88
C VAL A 436 22.51 5.87 -11.78
N ALA A 437 23.66 5.18 -11.73
CA ALA A 437 23.83 3.97 -12.54
C ALA A 437 22.85 2.88 -12.13
N GLY A 438 22.69 2.67 -10.82
CA GLY A 438 21.72 1.70 -10.35
C GLY A 438 20.29 2.10 -10.67
N TYR A 439 19.98 3.40 -10.53
CA TYR A 439 18.68 3.92 -10.90
C TYR A 439 18.35 3.61 -12.36
N VAL A 440 19.28 3.95 -13.26
CA VAL A 440 19.07 3.77 -14.70
C VAL A 440 18.96 2.28 -15.03
N SER A 441 19.86 1.45 -14.48
CA SER A 441 19.85 0.03 -14.80
C SER A 441 18.59 -0.66 -14.27
N GLY A 442 18.21 -0.37 -13.03
CA GLY A 442 17.01 -0.96 -12.49
C GLY A 442 15.75 -0.55 -13.22
N LEU A 443 15.64 0.74 -13.56
CA LEU A 443 14.47 1.18 -14.31
C LEU A 443 14.46 0.63 -15.73
N PHE A 444 15.63 0.49 -16.36
CA PHE A 444 15.70 -0.10 -17.70
C PHE A 444 15.25 -1.54 -17.69
N LEU A 445 15.75 -2.33 -16.75
CA LEU A 445 15.34 -3.73 -16.65
C LEU A 445 13.85 -3.84 -16.30
N ARG A 446 13.38 -3.00 -15.39
CA ARG A 446 11.97 -3.05 -14.97
C ARG A 446 11.05 -2.68 -16.12
N ILE A 447 11.41 -1.65 -16.90
CA ILE A 447 10.58 -1.21 -18.00
C ILE A 447 10.60 -2.22 -19.13
N THR A 448 11.78 -2.75 -19.48
CA THR A 448 11.86 -3.73 -20.55
C THR A 448 11.22 -5.06 -20.15
N GLY A 449 11.07 -5.31 -18.85
CA GLY A 449 10.38 -6.51 -18.42
C GLY A 449 8.88 -6.50 -18.67
N GLY A 450 8.28 -5.32 -18.77
CA GLY A 450 6.87 -5.20 -19.07
C GLY A 450 5.95 -5.30 -17.87
N GLU A 451 5.03 -4.35 -17.73
CA GLU A 451 4.09 -4.34 -16.61
C GLU A 451 2.67 -4.59 -17.10
N PRO A 452 2.08 -5.75 -16.82
CA PRO A 452 0.71 -6.03 -17.29
C PRO A 452 -0.36 -5.10 -16.73
N TYR A 453 -0.19 -4.62 -15.48
CA TYR A 453 -1.22 -3.79 -14.87
C TYR A 453 -1.38 -2.45 -15.60
N LEU A 454 -0.27 -1.87 -16.03
CA LEU A 454 -0.29 -0.62 -16.77
C LEU A 454 -0.35 -0.82 -18.29
N TYR A 455 -0.66 -2.05 -18.73
CA TYR A 455 -0.83 -2.39 -20.15
C TYR A 455 0.42 -2.07 -20.97
N LEU A 456 1.59 -2.37 -20.40
CA LEU A 456 2.87 -2.14 -21.06
C LEU A 456 3.43 -3.46 -21.57
N GLN A 457 3.80 -3.48 -22.84
CA GLN A 457 4.36 -4.70 -23.43
C GLN A 457 5.81 -4.88 -23.01
N PRO A 458 6.28 -6.12 -22.91
CA PRO A 458 7.71 -6.35 -22.60
C PRO A 458 8.58 -6.30 -23.84
N LEU A 459 9.77 -5.71 -23.71
CA LEU A 459 10.73 -5.67 -24.81
C LEU A 459 11.74 -6.82 -24.73
N ILE A 460 12.34 -7.03 -23.57
CA ILE A 460 13.28 -8.14 -23.36
C ILE A 460 12.48 -9.34 -22.87
N PHE A 461 12.70 -10.50 -23.49
CA PHE A 461 11.98 -11.71 -23.18
C PHE A 461 12.92 -12.70 -22.49
N TYR A 462 12.71 -12.90 -21.20
CA TYR A 462 13.42 -13.92 -20.44
C TYR A 462 12.76 -15.27 -20.68
N PRO A 463 13.47 -16.37 -20.41
CA PRO A 463 12.87 -17.69 -20.60
C PRO A 463 11.64 -17.90 -19.72
N GLY A 464 10.65 -18.60 -20.28
CA GLY A 464 9.40 -18.85 -19.58
C GLY A 464 8.30 -17.85 -19.83
N TYR A 465 8.49 -16.91 -20.75
CA TYR A 465 7.46 -15.91 -21.02
C TYR A 465 6.27 -16.55 -21.73
N TYR A 466 5.08 -16.08 -21.38
CA TYR A 466 3.83 -16.59 -21.94
C TYR A 466 2.87 -15.43 -22.16
N PRO A 467 2.05 -15.49 -23.20
CA PRO A 467 1.07 -14.41 -23.42
C PRO A 467 -0.26 -14.65 -22.73
N ASP A 468 -0.81 -13.60 -22.12
CA ASP A 468 -2.09 -13.69 -21.43
C ASP A 468 -3.23 -13.34 -22.38
N ASP A 469 -4.42 -13.09 -21.81
CA ASP A 469 -5.58 -12.74 -22.63
C ASP A 469 -5.38 -11.40 -23.33
N ASN A 470 -4.77 -10.43 -22.66
CA ASN A 470 -4.56 -9.12 -23.25
C ASN A 470 -3.47 -9.12 -24.32
N GLY A 471 -2.74 -10.21 -24.46
CA GLY A 471 -1.62 -10.27 -25.39
C GLY A 471 -0.32 -9.76 -24.83
N ILE A 472 -0.27 -9.41 -23.56
CA ILE A 472 0.95 -8.95 -22.92
C ILE A 472 1.69 -10.17 -22.39
N TYR A 473 2.93 -10.35 -22.83
CA TYR A 473 3.71 -11.50 -22.41
C TYR A 473 4.10 -11.36 -20.95
N ASN A 474 3.78 -12.37 -20.14
CA ASN A 474 4.04 -12.38 -18.71
C ASN A 474 5.27 -13.23 -18.42
N GLN A 475 6.16 -12.72 -17.58
CA GLN A 475 7.43 -13.37 -17.31
C GLN A 475 7.30 -14.31 -16.11
N LYS A 476 7.66 -15.57 -16.32
CA LYS A 476 7.83 -16.51 -15.21
C LYS A 476 9.19 -16.39 -14.55
N PHE A 477 10.14 -15.75 -15.21
CA PHE A 477 11.47 -15.50 -14.66
C PHE A 477 11.39 -14.40 -13.61
N PRO A 478 12.16 -14.51 -12.53
CA PRO A 478 12.18 -13.44 -11.51
C PRO A 478 12.95 -12.21 -11.97
N PHE A 479 12.39 -11.51 -12.98
CA PHE A 479 13.08 -10.38 -13.56
C PHE A 479 13.05 -9.17 -12.64
N LYS A 480 12.06 -9.08 -11.74
CA LYS A 480 12.01 -7.95 -10.82
C LYS A 480 13.05 -8.07 -9.72
N THR A 481 13.20 -9.29 -9.16
CA THR A 481 14.27 -9.53 -8.19
C THR A 481 15.63 -9.39 -8.85
N LEU A 482 15.75 -9.86 -10.09
CA LEU A 482 16.98 -9.68 -10.85
C LEU A 482 17.28 -8.21 -11.07
N ALA A 483 16.26 -7.41 -11.37
CA ALA A 483 16.43 -5.98 -11.55
C ALA A 483 16.86 -5.31 -10.25
N MET A 484 16.28 -5.72 -9.12
CA MET A 484 16.66 -5.16 -7.83
C MET A 484 18.10 -5.48 -7.49
N VAL A 485 18.51 -6.74 -7.65
CA VAL A 485 19.88 -7.15 -7.37
C VAL A 485 20.85 -6.47 -8.34
N THR A 486 20.45 -6.34 -9.60
CA THR A 486 21.29 -5.68 -10.59
C THR A 486 21.48 -4.21 -10.25
N SER A 487 20.42 -3.53 -9.81
CA SER A 487 20.53 -2.15 -9.39
C SER A 487 21.44 -1.99 -8.18
N PHE A 488 21.30 -2.89 -7.21
CA PHE A 488 22.12 -2.83 -6.00
C PHE A 488 23.60 -3.09 -6.31
N LEU A 489 23.88 -4.12 -7.10
CA LEU A 489 25.26 -4.44 -7.46
C LEU A 489 25.85 -3.40 -8.39
N THR A 490 25.04 -2.83 -9.28
CA THR A 490 25.51 -1.75 -10.13
C THR A 490 25.84 -0.52 -9.31
N ASN A 491 25.03 -0.21 -8.30
CA ASN A 491 25.33 0.87 -7.38
C ASN A 491 26.69 0.67 -6.73
N ILE A 492 26.92 -0.53 -6.16
CA ILE A 492 28.19 -0.81 -5.50
C ILE A 492 29.36 -0.73 -6.48
N CYS A 493 29.20 -1.39 -7.64
CA CYS A 493 30.31 -1.51 -8.58
C CYS A 493 30.67 -0.17 -9.21
N ILE A 494 29.66 0.59 -9.67
CA ILE A 494 29.93 1.89 -10.27
C ILE A 494 30.43 2.88 -9.23
N SER A 495 29.93 2.80 -7.98
CA SER A 495 30.45 3.66 -6.94
C SER A 495 31.94 3.41 -6.70
N TYR A 496 32.32 2.14 -6.53
CA TYR A 496 33.72 1.84 -6.28
C TYR A 496 34.58 2.09 -7.52
N LEU A 497 34.02 1.90 -8.71
CA LEU A 497 34.74 2.14 -9.95
C LEU A 497 35.04 3.62 -10.11
N ALA A 498 34.04 4.48 -9.91
CA ALA A 498 34.25 5.92 -9.99
C ALA A 498 35.21 6.39 -8.91
N LYS A 499 35.10 5.81 -7.71
CA LYS A 499 36.02 6.15 -6.62
C LYS A 499 37.46 5.82 -7.01
N TYR A 500 37.66 4.63 -7.60
CA TYR A 500 39.00 4.24 -8.03
C TYR A 500 39.50 5.12 -9.17
N LEU A 501 38.63 5.49 -10.10
CA LEU A 501 39.03 6.33 -11.23
C LEU A 501 39.47 7.71 -10.75
N PHE A 502 38.73 8.31 -9.83
CA PHE A 502 39.11 9.63 -9.35
C PHE A 502 40.29 9.57 -8.38
N GLU A 503 40.40 8.49 -7.62
CA GLU A 503 41.51 8.38 -6.66
C GLU A 503 42.83 8.12 -7.37
N SER A 504 42.85 7.20 -8.33
CA SER A 504 44.09 6.88 -9.03
C SER A 504 44.47 8.00 -10.01
N GLY A 505 43.48 8.74 -10.50
CA GLY A 505 43.73 9.81 -11.44
C GLY A 505 43.46 9.47 -12.89
N THR A 506 42.78 8.36 -13.16
CA THR A 506 42.45 8.00 -14.55
C THR A 506 41.52 9.03 -15.17
N LEU A 507 40.48 9.42 -14.44
CA LEU A 507 39.62 10.48 -14.96
C LEU A 507 40.03 11.82 -14.39
N PRO A 508 39.96 12.88 -15.19
CA PRO A 508 40.33 14.21 -14.70
C PRO A 508 39.40 14.68 -13.59
N PRO A 509 39.92 15.42 -12.61
CA PRO A 509 39.04 15.96 -11.56
C PRO A 509 38.03 16.96 -12.07
N LYS A 510 38.27 17.57 -13.24
CA LYS A 510 37.34 18.54 -13.79
C LYS A 510 36.01 17.89 -14.14
N LEU A 511 36.04 16.67 -14.67
CA LEU A 511 34.82 15.95 -15.04
C LEU A 511 34.22 15.31 -13.79
N ASP A 512 33.69 16.17 -12.92
CA ASP A 512 32.99 15.75 -11.71
C ASP A 512 31.66 16.51 -11.67
N VAL A 513 30.65 15.96 -12.38
CA VAL A 513 29.39 16.66 -12.53
C VAL A 513 28.53 16.49 -11.29
N PHE A 514 28.72 15.39 -10.56
CA PHE A 514 27.91 15.07 -9.40
C PHE A 514 28.56 15.41 -8.07
N ASP A 515 29.86 15.78 -8.08
CA ASP A 515 30.63 16.16 -6.90
C ASP A 515 30.66 15.04 -5.85
N ALA A 516 30.54 13.79 -6.28
CA ALA A 516 30.51 12.68 -5.35
C ALA A 516 31.88 12.37 -4.78
N VAL A 517 32.93 12.39 -5.61
CA VAL A 517 34.27 12.09 -5.15
C VAL A 517 35.20 13.27 -5.41
#